data_5UWM
#
_entry.id   5UWM
#
_cell.length_a   140.073
_cell.length_b   140.073
_cell.length_c   46.860
_cell.angle_alpha   90.00
_cell.angle_beta   90.00
_cell.angle_gamma   120.00
#
_symmetry.space_group_name_H-M   'H 3'
#
loop_
_entity.id
_entity.type
_entity.pdbx_description
1 polymer 'Collagenase 3'
2 polymer 'Collagenase 3'
3 non-polymer 'ZINC ION'
4 non-polymer 'CALCIUM ION'
5 non-polymer (R)-N-(3-methyl-1-(methylamino)-1-oxobutan-2-yl)-5-(4-(((4-oxo-4,5,6,7-tetrahydro-3H-cyclopenta[d]pyrimidin-2-yl)thio)methyl)phenyl)furan-2-carboxamide
6 water water
#
loop_
_entity_poly.entity_id
_entity_poly.type
_entity_poly.pdbx_seq_one_letter_code
_entity_poly.pdbx_strand_id
1 'polypeptide(L)'
;MYNVFPRTLKWSKMNLTYRIVNYTPDMTHSEVEKAFKKAFKVWSDVTPLNFTRLHDGIADIMISFGIKEHGDFYPFDGPS
GLLAHAFPPGPNYGGDAHFDDDETWTSSSKGYNLFLVAAHEFGHSLGLDHSKDPGALMFPIYTYTGKSHFMLPDDDVQGI
QSLYGPGDEDPN
;
A,B
2 'polypeptide(L)' VTPLN C,D
#
loop_
_chem_comp.id
_chem_comp.type
_chem_comp.name
_chem_comp.formula
8OA non-polymer (R)-N-(3-methyl-1-(methylamino)-1-oxobutan-2-yl)-5-(4-(((4-oxo-4,5,6,7-tetrahydro-3H-cyclopenta[d]pyrimidin-2-yl)thio)methyl)phenyl)furan-2-carboxamide 'C25 H28 N4 O4 S'
CA non-polymer 'CALCIUM ION' 'Ca 2'
ZN non-polymer 'ZINC ION' 'Zn 2'
#
# COMPACT_ATOMS: atom_id res chain seq x y z
N LEU A 9 2.59 17.80 8.63
CA LEU A 9 1.65 17.95 9.74
C LEU A 9 2.35 17.56 11.05
N LYS A 10 1.82 18.15 12.12
CA LYS A 10 2.53 18.18 13.39
C LYS A 10 1.52 18.25 14.53
N TRP A 11 1.81 17.54 15.62
CA TRP A 11 1.04 17.72 16.84
C TRP A 11 1.37 19.08 17.47
N SER A 12 0.34 19.78 17.92
CA SER A 12 0.53 21.03 18.62
C SER A 12 0.57 20.85 20.13
N LYS A 13 0.78 19.63 20.61
CA LYS A 13 0.99 19.36 22.03
C LYS A 13 2.11 18.32 22.12
N MET A 14 2.80 18.32 23.26
CA MET A 14 3.93 17.41 23.45
C MET A 14 3.58 16.15 24.22
N ASN A 15 2.47 16.14 24.94
CA ASN A 15 2.08 14.99 25.76
C ASN A 15 0.96 14.24 25.05
N LEU A 16 1.29 13.06 24.52
CA LEU A 16 0.41 12.25 23.70
C LEU A 16 0.07 10.94 24.41
N THR A 17 -1.09 10.39 24.08
CA THR A 17 -1.50 9.11 24.61
C THR A 17 -1.62 8.08 23.49
N TYR A 18 -1.49 6.81 23.87
CA TYR A 18 -1.73 5.70 22.95
C TYR A 18 -2.51 4.61 23.66
N ARG A 19 -3.21 3.81 22.85
CA ARG A 19 -3.98 2.68 23.34
C ARG A 19 -3.75 1.50 22.40
N ILE A 20 -3.42 0.34 22.98
CA ILE A 20 -3.31 -0.90 22.22
C ILE A 20 -4.70 -1.53 22.21
N VAL A 21 -5.40 -1.40 21.08
CA VAL A 21 -6.81 -1.77 21.02
C VAL A 21 -6.97 -3.28 20.97
N ASN A 22 -6.06 -3.98 20.29
CA ASN A 22 -6.04 -5.45 20.24
C ASN A 22 -4.61 -5.90 19.95
N TYR A 23 -4.43 -7.22 19.90
CA TYR A 23 -3.11 -7.84 19.89
C TYR A 23 -3.03 -8.89 18.78
N THR A 24 -1.82 -9.01 18.20
CA THR A 24 -1.52 -10.04 17.21
C THR A 24 -1.50 -11.43 17.84
N PRO A 25 -1.88 -12.47 17.09
CA PRO A 25 -1.67 -13.85 17.55
C PRO A 25 -0.20 -14.20 17.73
N ASP A 26 0.70 -13.44 17.10
CA ASP A 26 2.06 -13.87 16.84
C ASP A 26 2.99 -13.74 18.05
N MET A 27 2.62 -12.92 19.03
CA MET A 27 3.48 -12.51 20.14
C MET A 27 2.66 -12.38 21.42
N THR A 28 3.30 -12.51 22.58
CA THR A 28 2.60 -12.27 23.85
C THR A 28 2.23 -10.79 23.97
N HIS A 29 1.25 -10.51 24.83
CA HIS A 29 0.93 -9.12 25.10
C HIS A 29 2.15 -8.40 25.64
N SER A 30 2.92 -9.07 26.50
N SER A 30 2.91 -9.06 26.52
CA SER A 30 4.08 -8.42 27.11
CA SER A 30 4.08 -8.45 27.11
C SER A 30 5.11 -8.05 26.06
C SER A 30 5.08 -8.03 26.03
N GLU A 31 5.33 -8.90 25.05
CA GLU A 31 6.31 -8.59 24.02
C GLU A 31 5.81 -7.49 23.08
N VAL A 32 4.50 -7.46 22.81
CA VAL A 32 3.93 -6.36 22.01
C VAL A 32 4.08 -5.05 22.76
N GLU A 33 3.73 -5.06 24.04
CA GLU A 33 3.82 -3.86 24.85
C GLU A 33 5.25 -3.36 24.91
N LYS A 34 6.21 -4.28 25.11
CA LYS A 34 7.62 -3.93 25.17
C LYS A 34 8.09 -3.31 23.86
N ALA A 35 7.68 -3.87 22.73
CA ALA A 35 8.10 -3.33 21.42
C ALA A 35 7.57 -1.93 21.20
N PHE A 36 6.29 -1.70 21.53
CA PHE A 36 5.71 -0.38 21.31
C PHE A 36 6.32 0.64 22.25
N LYS A 37 6.54 0.27 23.52
CA LYS A 37 7.17 1.20 24.46
C LYS A 37 8.56 1.61 23.97
N LYS A 38 9.34 0.63 23.49
CA LYS A 38 10.68 0.91 22.97
C LYS A 38 10.60 1.80 21.74
N ALA A 39 9.58 1.56 20.90
CA ALA A 39 9.43 2.35 19.68
C ALA A 39 9.08 3.81 19.98
N PHE A 40 8.21 4.06 20.96
CA PHE A 40 7.95 5.45 21.35
C PHE A 40 9.18 6.09 21.96
N LYS A 41 9.98 5.31 22.69
CA LYS A 41 11.15 5.86 23.37
C LYS A 41 12.21 6.30 22.37
N VAL A 42 12.26 5.66 21.21
CA VAL A 42 13.12 6.14 20.12
C VAL A 42 12.91 7.63 19.88
N TRP A 43 11.66 8.06 19.82
CA TRP A 43 11.33 9.44 19.50
C TRP A 43 11.33 10.34 20.73
N SER A 44 10.84 9.86 21.87
CA SER A 44 10.88 10.68 23.08
C SER A 44 12.31 10.93 23.54
N ASP A 45 13.26 10.04 23.21
CA ASP A 45 14.65 10.23 23.63
C ASP A 45 15.32 11.41 22.93
N VAL A 46 14.79 11.90 21.80
CA VAL A 46 15.46 12.97 21.05
C VAL A 46 14.53 14.17 20.79
N THR A 47 13.41 14.24 21.51
CA THR A 47 12.48 15.37 21.40
C THR A 47 11.90 15.67 22.77
N PRO A 48 11.06 16.69 22.91
CA PRO A 48 10.30 16.87 24.16
C PRO A 48 9.01 16.05 24.22
N LEU A 49 8.77 15.15 23.28
CA LEU A 49 7.54 14.37 23.28
C LEU A 49 7.51 13.38 24.44
N ASN A 50 6.31 13.18 25.00
CA ASN A 50 6.05 12.17 26.04
C ASN A 50 4.83 11.35 25.63
N PHE A 51 4.88 10.05 25.93
CA PHE A 51 3.83 9.12 25.55
C PHE A 51 3.36 8.35 26.77
N THR A 52 2.05 8.32 26.98
CA THR A 52 1.43 7.57 28.06
C THR A 52 0.39 6.62 27.49
N ARG A 53 0.35 5.42 28.05
CA ARG A 53 -0.52 4.35 27.58
C ARG A 53 -1.86 4.37 28.34
N LEU A 54 -2.95 4.23 27.59
CA LEU A 54 -4.29 4.14 28.15
C LEU A 54 -4.87 2.76 27.86
N HIS A 55 -5.73 2.28 28.78
CA HIS A 55 -6.35 0.97 28.63
C HIS A 55 -7.81 1.01 28.19
N ASP A 56 -8.39 2.20 28.08
CA ASP A 56 -9.78 2.34 27.64
C ASP A 56 -9.98 3.74 27.11
N GLY A 57 -11.12 3.95 26.47
CA GLY A 57 -11.44 5.24 25.92
C GLY A 57 -10.53 5.61 24.76
N ILE A 58 -10.58 6.88 24.42
CA ILE A 58 -9.91 7.39 23.22
C ILE A 58 -8.52 7.89 23.59
N ALA A 59 -7.53 7.47 22.82
CA ALA A 59 -6.15 7.93 22.90
C ALA A 59 -5.81 8.65 21.60
N ASP A 60 -4.76 9.49 21.64
CA ASP A 60 -4.35 10.16 20.41
C ASP A 60 -3.94 9.14 19.36
N ILE A 61 -3.10 8.18 19.74
CA ILE A 61 -2.56 7.19 18.82
C ILE A 61 -3.21 5.86 19.17
N MET A 62 -4.25 5.50 18.41
CA MET A 62 -4.92 4.22 18.52
C MET A 62 -4.20 3.18 17.66
N ILE A 63 -3.80 2.07 18.27
CA ILE A 63 -2.99 1.05 17.62
C ILE A 63 -3.81 -0.23 17.52
N SER A 64 -3.83 -0.86 16.34
CA SER A 64 -4.59 -2.10 16.19
CA SER A 64 -4.65 -2.05 16.11
C SER A 64 -3.96 -2.97 15.11
N PHE A 65 -4.34 -4.24 15.17
CA PHE A 65 -3.94 -5.29 14.25
C PHE A 65 -5.17 -5.74 13.48
N GLY A 66 -5.04 -5.88 12.16
CA GLY A 66 -6.16 -6.30 11.34
C GLY A 66 -5.69 -6.85 10.01
N ILE A 67 -6.66 -7.31 9.22
CA ILE A 67 -6.40 -7.82 7.89
C ILE A 67 -7.40 -7.25 6.91
N LYS A 68 -7.01 -7.26 5.64
CA LYS A 68 -7.90 -6.88 4.52
C LYS A 68 -8.62 -5.58 4.89
N GLU A 69 -9.93 -5.47 4.72
CA GLU A 69 -10.68 -4.28 5.13
C GLU A 69 -10.92 -4.33 6.63
N HIS A 70 -10.39 -3.33 7.34
CA HIS A 70 -10.38 -3.36 8.80
C HIS A 70 -10.99 -2.10 9.42
N GLY A 71 -11.71 -1.30 8.63
CA GLY A 71 -12.51 -0.24 9.21
C GLY A 71 -12.31 1.14 8.63
N ASP A 72 -11.19 1.36 7.93
CA ASP A 72 -10.87 2.69 7.44
C ASP A 72 -10.86 2.82 5.93
N PHE A 73 -11.24 1.77 5.19
CA PHE A 73 -11.29 1.79 3.74
C PHE A 73 -9.93 2.03 3.08
N TYR A 74 -8.85 1.72 3.83
CA TYR A 74 -7.51 1.56 3.28
C TYR A 74 -7.11 0.12 3.56
N PRO A 75 -7.52 -0.82 2.71
CA PRO A 75 -7.40 -2.23 3.08
C PRO A 75 -5.98 -2.76 2.94
N PHE A 76 -5.66 -3.75 3.78
CA PHE A 76 -4.43 -4.50 3.64
C PHE A 76 -4.60 -5.60 2.58
N ASP A 77 -3.48 -6.24 2.23
CA ASP A 77 -3.36 -6.99 0.97
C ASP A 77 -2.98 -8.46 1.18
N GLY A 78 -3.21 -9.01 2.37
CA GLY A 78 -2.81 -10.36 2.65
C GLY A 78 -1.32 -10.46 2.91
N PRO A 79 -0.80 -11.69 2.97
CA PRO A 79 0.63 -11.88 3.25
C PRO A 79 1.52 -11.19 2.22
N SER A 80 2.61 -10.59 2.72
CA SER A 80 3.60 -9.88 1.92
C SER A 80 3.07 -8.52 1.47
N GLY A 81 3.84 -7.82 0.66
CA GLY A 81 3.43 -6.50 0.22
C GLY A 81 3.36 -5.51 1.37
N LEU A 82 2.22 -4.83 1.49
CA LEU A 82 2.01 -3.85 2.54
C LEU A 82 2.12 -4.51 3.92
N LEU A 83 2.79 -3.81 4.85
CA LEU A 83 3.02 -4.32 6.20
C LEU A 83 2.16 -3.64 7.27
N ALA A 84 1.92 -2.35 7.10
CA ALA A 84 1.36 -1.50 8.14
C ALA A 84 1.16 -0.13 7.54
N HIS A 85 0.37 0.71 8.23
CA HIS A 85 0.26 2.10 7.84
C HIS A 85 -0.19 2.94 9.03
N ALA A 86 0.06 4.24 8.92
CA ALA A 86 -0.27 5.18 9.99
C ALA A 86 -0.67 6.52 9.40
N PHE A 87 -1.57 7.21 10.11
CA PHE A 87 -2.11 8.48 9.69
C PHE A 87 -1.31 9.64 10.29
N PRO A 88 -1.11 10.73 9.55
CA PRO A 88 -0.38 11.87 10.11
C PRO A 88 -1.13 12.50 11.27
N PRO A 89 -0.47 13.39 12.02
CA PRO A 89 -1.11 14.05 13.16
C PRO A 89 -2.43 14.72 12.78
N GLY A 90 -3.40 14.59 13.68
CA GLY A 90 -4.73 15.14 13.50
C GLY A 90 -5.73 14.42 14.37
N PRO A 91 -6.98 14.90 14.38
CA PRO A 91 -8.03 14.23 15.17
C PRO A 91 -8.47 12.93 14.52
N ASN A 92 -9.25 12.17 15.27
CA ASN A 92 -9.90 10.95 14.78
C ASN A 92 -8.83 9.97 14.32
N TYR A 93 -8.81 9.55 13.05
CA TYR A 93 -7.81 8.56 12.63
C TYR A 93 -6.39 9.14 12.67
N GLY A 94 -6.24 10.45 12.71
CA GLY A 94 -4.90 11.04 12.78
C GLY A 94 -4.07 10.39 13.88
N GLY A 95 -2.80 10.09 13.58
CA GLY A 95 -1.92 9.44 14.53
C GLY A 95 -2.06 7.94 14.64
N ASP A 96 -3.20 7.38 14.23
CA ASP A 96 -3.44 5.96 14.48
C ASP A 96 -2.51 5.11 13.62
N ALA A 97 -2.20 3.91 14.14
CA ALA A 97 -1.29 2.98 13.47
C ALA A 97 -1.95 1.59 13.39
N HIS A 98 -1.94 1.00 12.20
CA HIS A 98 -2.54 -0.31 11.95
C HIS A 98 -1.51 -1.26 11.38
N PHE A 99 -1.48 -2.49 11.89
CA PHE A 99 -0.53 -3.52 11.46
C PHE A 99 -1.27 -4.66 10.78
N ASP A 100 -0.74 -5.12 9.64
CA ASP A 100 -1.34 -6.18 8.84
C ASP A 100 -1.02 -7.54 9.47
N ASP A 101 -2.01 -8.17 10.11
CA ASP A 101 -1.69 -9.43 10.79
C ASP A 101 -1.63 -10.62 9.84
N ASP A 102 -1.76 -10.41 8.53
CA ASP A 102 -1.38 -11.47 7.62
C ASP A 102 0.14 -11.59 7.49
N GLU A 103 0.89 -10.68 8.09
CA GLU A 103 2.33 -10.84 8.27
C GLU A 103 2.59 -11.51 9.62
N THR A 104 3.80 -12.06 9.77
CA THR A 104 4.23 -12.67 11.02
C THR A 104 5.12 -11.68 11.76
N TRP A 105 4.60 -11.17 12.87
CA TRP A 105 5.28 -10.19 13.70
C TRP A 105 6.14 -10.89 14.75
N THR A 106 7.39 -10.45 14.88
CA THR A 106 8.34 -11.10 15.79
C THR A 106 9.13 -10.08 16.61
N SER A 107 9.91 -10.61 17.55
CA SER A 107 10.99 -9.85 18.19
C SER A 107 12.34 -10.45 17.82
N SER A 108 12.47 -10.86 16.56
CA SER A 108 13.67 -11.55 16.09
C SER A 108 14.00 -11.06 14.68
N SER A 109 14.87 -11.82 14.01
CA SER A 109 15.26 -11.52 12.66
C SER A 109 14.28 -12.15 11.68
N LYS A 110 13.41 -13.01 12.17
CA LYS A 110 12.42 -13.69 11.34
C LYS A 110 11.18 -12.82 11.10
N GLY A 111 10.39 -13.16 10.08
CA GLY A 111 9.19 -12.40 9.75
C GLY A 111 9.53 -10.92 9.73
N TYR A 112 8.64 -10.10 10.28
CA TYR A 112 8.86 -8.66 10.37
C TYR A 112 8.97 -8.27 11.84
N ASN A 113 10.04 -7.55 12.18
CA ASN A 113 10.31 -7.15 13.55
C ASN A 113 9.34 -6.04 13.97
N LEU A 114 8.52 -6.31 15.00
CA LEU A 114 7.45 -5.38 15.34
C LEU A 114 8.00 -4.05 15.85
N PHE A 115 9.09 -4.10 16.64
CA PHE A 115 9.70 -2.87 17.13
C PHE A 115 10.10 -1.97 15.97
N LEU A 116 10.81 -2.52 14.99
CA LEU A 116 11.31 -1.71 13.87
C LEU A 116 10.16 -1.11 13.07
N VAL A 117 9.15 -1.93 12.74
CA VAL A 117 8.04 -1.40 11.95
C VAL A 117 7.25 -0.40 12.76
N ALA A 118 7.05 -0.66 14.06
CA ALA A 118 6.30 0.29 14.89
C ALA A 118 7.03 1.62 15.00
N ALA A 119 8.36 1.59 15.20
CA ALA A 119 9.10 2.83 15.30
C ALA A 119 8.93 3.67 14.03
N HIS A 120 8.96 3.00 12.87
CA HIS A 120 8.71 3.66 11.58
C HIS A 120 7.28 4.20 11.50
N GLU A 121 6.29 3.37 11.86
CA GLU A 121 4.91 3.85 11.83
C GLU A 121 4.71 5.05 12.73
N PHE A 122 5.26 4.99 13.96
CA PHE A 122 5.08 6.10 14.87
C PHE A 122 5.77 7.36 14.35
N GLY A 123 6.83 7.20 13.56
CA GLY A 123 7.37 8.35 12.82
C GLY A 123 6.32 9.01 11.95
N HIS A 124 5.59 8.21 11.16
CA HIS A 124 4.46 8.75 10.38
C HIS A 124 3.41 9.36 11.32
N SER A 125 3.08 8.67 12.43
CA SER A 125 2.11 9.18 13.40
C SER A 125 2.47 10.57 13.91
N LEU A 126 3.76 10.88 13.95
CA LEU A 126 4.25 12.15 14.47
C LEU A 126 4.45 13.19 13.36
N GLY A 127 4.28 12.82 12.09
CA GLY A 127 4.32 13.76 10.99
C GLY A 127 5.48 13.60 10.01
N LEU A 128 6.32 12.59 10.15
CA LEU A 128 7.44 12.40 9.24
C LEU A 128 6.99 11.73 7.96
N ASP A 129 7.55 12.18 6.83
CA ASP A 129 7.36 11.48 5.57
C ASP A 129 8.52 10.50 5.36
N HIS A 130 8.66 9.95 4.17
CA HIS A 130 9.74 9.00 3.93
C HIS A 130 11.05 9.73 3.64
N SER A 131 12.14 9.06 4.00
CA SER A 131 13.47 9.52 3.74
C SER A 131 14.01 8.90 2.46
N LYS A 132 14.89 9.63 1.77
CA LYS A 132 15.61 9.10 0.62
C LYS A 132 16.93 8.47 1.03
N ASP A 133 17.29 8.57 2.31
CA ASP A 133 18.53 8.00 2.84
C ASP A 133 18.33 6.51 3.09
N PRO A 134 19.04 5.63 2.37
CA PRO A 134 18.76 4.19 2.51
C PRO A 134 19.00 3.64 3.90
N GLY A 135 19.80 4.30 4.73
CA GLY A 135 20.00 3.87 6.11
C GLY A 135 19.01 4.41 7.12
N ALA A 136 18.07 5.24 6.70
CA ALA A 136 17.16 5.88 7.65
C ALA A 136 16.06 4.92 8.10
N LEU A 137 15.61 5.12 9.35
CA LEU A 137 14.44 4.37 9.83
C LEU A 137 13.23 4.66 8.96
N MET A 138 13.12 5.89 8.46
CA MET A 138 11.99 6.30 7.64
C MET A 138 12.20 6.07 6.14
N PHE A 139 13.20 5.29 5.74
CA PHE A 139 13.30 4.83 4.37
C PHE A 139 12.07 3.97 4.07
N PRO A 140 11.55 3.96 2.83
CA PRO A 140 10.29 3.25 2.60
C PRO A 140 10.39 1.73 2.54
N ILE A 141 11.59 1.16 2.35
CA ILE A 141 11.77 -0.27 2.16
C ILE A 141 12.33 -0.90 3.43
N TYR A 142 11.68 -1.97 3.89
CA TYR A 142 12.06 -2.64 5.13
C TYR A 142 13.24 -3.56 4.89
N THR A 143 14.24 -3.45 5.76
CA THR A 143 15.35 -4.38 5.84
C THR A 143 15.63 -4.65 7.32
N TYR A 144 16.37 -5.71 7.62
CA TYR A 144 16.70 -6.04 9.00
C TYR A 144 18.21 -6.25 9.10
N THR A 145 18.91 -5.25 9.67
CA THR A 145 20.37 -5.26 9.73
C THR A 145 20.88 -6.18 10.83
N HIS A 149 22.15 -3.30 19.36
CA HIS A 149 21.50 -2.18 20.03
C HIS A 149 21.11 -1.12 18.99
N PHE A 150 19.81 -0.90 18.92
CA PHE A 150 19.26 0.05 17.95
C PHE A 150 19.72 1.46 18.26
N MET A 151 20.10 2.19 17.21
CA MET A 151 20.43 3.60 17.30
CA MET A 151 20.43 3.60 17.30
C MET A 151 19.67 4.32 16.20
N LEU A 152 18.93 5.37 16.57
CA LEU A 152 18.13 6.12 15.59
C LEU A 152 19.05 6.80 14.57
N PRO A 153 18.91 6.51 13.27
CA PRO A 153 19.82 7.13 12.30
C PRO A 153 19.73 8.65 12.28
N ASP A 154 20.82 9.27 11.82
CA ASP A 154 20.96 10.72 11.94
C ASP A 154 19.92 11.46 11.10
N ASP A 155 19.53 10.93 9.94
CA ASP A 155 18.49 11.61 9.15
C ASP A 155 17.19 11.66 9.93
N ASP A 156 16.87 10.60 10.66
CA ASP A 156 15.63 10.57 11.44
C ASP A 156 15.70 11.53 12.62
N VAL A 157 16.85 11.58 13.32
CA VAL A 157 17.03 12.56 14.39
C VAL A 157 16.79 13.97 13.87
N GLN A 158 17.45 14.31 12.77
CA GLN A 158 17.30 15.63 12.13
C GLN A 158 15.84 15.92 11.79
N GLY A 159 15.17 14.92 11.21
CA GLY A 159 13.80 15.13 10.74
C GLY A 159 12.82 15.37 11.87
N ILE A 160 12.90 14.57 12.94
CA ILE A 160 11.95 14.73 14.04
C ILE A 160 12.26 16.00 14.84
N GLN A 161 13.54 16.36 14.96
CA GLN A 161 13.87 17.58 15.69
C GLN A 161 13.46 18.82 14.90
N SER A 162 13.40 18.72 13.58
N SER A 162 13.40 18.73 13.57
CA SER A 162 12.91 19.84 12.78
CA SER A 162 12.91 19.87 12.82
C SER A 162 11.46 20.16 13.12
C SER A 162 11.46 20.17 13.17
N LEU A 163 10.67 19.16 13.49
CA LEU A 163 9.28 19.36 13.86
C LEU A 163 9.12 19.77 15.32
N TYR A 164 9.85 19.12 16.23
CA TYR A 164 9.58 19.25 17.65
C TYR A 164 10.77 19.77 18.47
N GLY A 165 11.95 19.94 17.86
CA GLY A 165 13.13 20.35 18.59
C GLY A 165 13.75 19.21 19.39
N PRO A 166 14.89 19.49 20.04
CA PRO A 166 15.55 18.48 20.88
C PRO A 166 14.95 18.38 22.28
N LEU B 9 -7.88 -16.44 -5.66
CA LEU B 9 -8.88 -16.91 -6.60
C LEU B 9 -8.47 -16.54 -8.03
N LYS B 10 -9.17 -17.10 -9.02
CA LYS B 10 -8.78 -16.94 -10.41
C LYS B 10 -10.00 -17.07 -11.30
N TRP B 11 -9.85 -16.63 -12.54
CA TRP B 11 -10.92 -16.83 -13.52
C TRP B 11 -10.95 -18.29 -13.92
N SER B 12 -12.16 -18.81 -14.11
CA SER B 12 -12.38 -20.19 -14.52
C SER B 12 -12.48 -20.34 -16.03
N LYS B 13 -12.37 -19.25 -16.78
CA LYS B 13 -12.30 -19.27 -18.23
C LYS B 13 -11.00 -18.63 -18.69
N MET B 14 -10.52 -19.04 -19.86
CA MET B 14 -9.27 -18.49 -20.39
C MET B 14 -9.51 -17.31 -21.33
N ASN B 15 -10.74 -17.13 -21.83
CA ASN B 15 -11.05 -16.06 -22.77
C ASN B 15 -11.76 -14.94 -21.99
N LEU B 16 -11.06 -13.82 -21.81
CA LEU B 16 -11.57 -12.70 -21.01
C LEU B 16 -11.77 -11.47 -21.89
N THR B 17 -12.70 -10.61 -21.48
CA THR B 17 -13.03 -9.38 -22.18
C THR B 17 -12.76 -8.17 -21.30
N TYR B 18 -12.44 -7.04 -21.95
CA TYR B 18 -12.32 -5.77 -21.25
C TYR B 18 -13.01 -4.67 -22.05
N ARG B 19 -13.32 -3.59 -21.34
CA ARG B 19 -13.94 -2.42 -21.96
C ARG B 19 -13.40 -1.17 -21.30
N ILE B 20 -12.97 -0.21 -22.12
CA ILE B 20 -12.52 1.09 -21.65
C ILE B 20 -13.76 1.98 -21.60
N VAL B 21 -14.29 2.20 -20.39
CA VAL B 21 -15.58 2.88 -20.22
C VAL B 21 -15.45 4.37 -20.47
N ASN B 22 -14.35 4.98 -20.05
CA ASN B 22 -14.09 6.39 -20.28
C ASN B 22 -12.57 6.59 -20.33
N TYR B 23 -12.14 7.83 -20.60
CA TYR B 23 -10.76 8.12 -20.98
C TYR B 23 -10.20 9.34 -20.25
N THR B 24 -8.93 9.25 -19.87
CA THR B 24 -8.24 10.36 -19.21
C THR B 24 -8.01 11.51 -20.17
N PRO B 25 -8.05 12.76 -19.66
CA PRO B 25 -7.62 13.91 -20.49
C PRO B 25 -6.15 13.86 -20.88
N ASP B 26 -5.35 13.05 -20.17
CA ASP B 26 -3.91 13.22 -20.16
C ASP B 26 -3.22 12.68 -21.42
N MET B 27 -3.86 11.76 -22.14
CA MET B 27 -3.32 11.06 -23.29
C MET B 27 -4.43 10.87 -24.32
N THR B 28 -4.05 10.71 -25.59
CA THR B 28 -5.08 10.50 -26.61
C THR B 28 -5.72 9.12 -26.44
N HIS B 29 -6.92 8.95 -27.05
CA HIS B 29 -7.61 7.67 -26.99
C HIS B 29 -6.70 6.54 -27.44
N SER B 30 -6.01 6.76 -28.56
CA SER B 30 -5.20 5.71 -29.15
C SER B 30 -3.97 5.39 -28.32
N GLU B 31 -3.38 6.37 -27.63
CA GLU B 31 -2.27 6.05 -26.75
C GLU B 31 -2.74 5.30 -25.50
N VAL B 32 -3.92 5.65 -24.98
CA VAL B 32 -4.52 4.89 -23.87
C VAL B 32 -4.73 3.44 -24.29
N GLU B 33 -5.35 3.24 -25.44
CA GLU B 33 -5.63 1.90 -25.94
C GLU B 33 -4.35 1.11 -26.14
N LYS B 34 -3.31 1.76 -26.66
CA LYS B 34 -2.04 1.08 -26.89
C LYS B 34 -1.43 0.62 -25.58
N ALA B 35 -1.47 1.48 -24.55
CA ALA B 35 -0.92 1.12 -23.25
C ALA B 35 -1.65 -0.06 -22.63
N PHE B 36 -3.00 -0.04 -22.67
CA PHE B 36 -3.76 -1.14 -22.07
C PHE B 36 -3.55 -2.43 -22.86
N LYS B 37 -3.45 -2.34 -24.19
CA LYS B 37 -3.24 -3.54 -24.99
C LYS B 37 -1.91 -4.18 -24.66
N LYS B 38 -0.87 -3.36 -24.51
CA LYS B 38 0.44 -3.89 -24.16
C LYS B 38 0.45 -4.46 -22.74
N ALA B 39 -0.33 -3.85 -21.84
CA ALA B 39 -0.41 -4.34 -20.46
C ALA B 39 -1.05 -5.72 -20.41
N PHE B 40 -2.13 -5.93 -21.16
CA PHE B 40 -2.73 -7.27 -21.20
C PHE B 40 -1.78 -8.27 -21.84
N LYS B 41 -1.00 -7.85 -22.84
CA LYS B 41 -0.09 -8.76 -23.52
C LYS B 41 1.03 -9.23 -22.59
N VAL B 42 1.41 -8.42 -21.60
CA VAL B 42 2.37 -8.87 -20.58
C VAL B 42 1.94 -10.23 -20.02
N TRP B 43 0.65 -10.37 -19.76
CA TRP B 43 0.11 -11.57 -19.11
C TRP B 43 -0.26 -12.66 -20.11
N SER B 44 -0.83 -12.31 -21.27
CA SER B 44 -1.17 -13.36 -22.24
C SER B 44 0.08 -14.01 -22.82
N ASP B 45 1.21 -13.30 -22.82
CA ASP B 45 2.44 -13.85 -23.38
C ASP B 45 3.00 -15.02 -22.58
N VAL B 46 2.63 -15.17 -21.30
CA VAL B 46 3.20 -16.20 -20.45
C VAL B 46 2.14 -17.14 -19.88
N THR B 47 0.91 -17.08 -20.41
CA THR B 47 -0.19 -17.93 -19.96
C THR B 47 -1.06 -18.31 -21.16
N PRO B 48 -2.07 -19.14 -20.96
CA PRO B 48 -3.09 -19.37 -22.01
C PRO B 48 -4.20 -18.34 -22.05
N LEU B 49 -4.12 -17.28 -21.26
CA LEU B 49 -5.17 -16.26 -21.25
C LEU B 49 -5.15 -15.46 -22.55
N ASN B 50 -6.34 -15.03 -22.98
CA ASN B 50 -6.46 -14.12 -24.11
C ASN B 50 -7.49 -13.05 -23.77
N PHE B 51 -7.29 -11.85 -24.32
CA PHE B 51 -8.09 -10.68 -23.98
C PHE B 51 -8.66 -10.03 -25.24
N THR B 52 -9.95 -9.75 -25.22
CA THR B 52 -10.68 -9.10 -26.31
C THR B 52 -11.31 -7.81 -25.80
N ARG B 53 -11.17 -6.73 -26.57
CA ARG B 53 -11.75 -5.45 -26.20
C ARG B 53 -13.18 -5.32 -26.74
N LEU B 54 -14.12 -4.95 -25.86
CA LEU B 54 -15.49 -4.65 -26.25
C LEU B 54 -15.71 -3.15 -26.27
N HIS B 55 -16.64 -2.70 -27.11
CA HIS B 55 -16.96 -1.28 -27.20
C HIS B 55 -18.27 -0.93 -26.53
N ASP B 56 -19.01 -1.93 -26.07
CA ASP B 56 -20.32 -1.70 -25.47
C ASP B 56 -20.64 -2.89 -24.60
N GLY B 57 -21.61 -2.70 -23.71
CA GLY B 57 -22.07 -3.79 -22.89
C GLY B 57 -21.08 -4.13 -21.79
N ILE B 58 -21.33 -5.29 -21.17
CA ILE B 58 -20.60 -5.70 -19.97
CA ILE B 58 -20.60 -5.70 -19.97
C ILE B 58 -19.42 -6.58 -20.38
N ALA B 59 -18.22 -6.17 -19.97
CA ALA B 59 -17.01 -6.98 -20.13
C ALA B 59 -16.57 -7.49 -18.77
N ASP B 60 -15.71 -8.53 -18.77
CA ASP B 60 -15.19 -9.03 -17.50
C ASP B 60 -14.45 -7.94 -16.74
N ILE B 61 -13.53 -7.25 -17.41
CA ILE B 61 -12.68 -6.24 -16.81
C ILE B 61 -13.15 -4.88 -17.34
N MET B 62 -13.94 -4.17 -16.54
CA MET B 62 -14.38 -2.83 -16.86
C MET B 62 -13.33 -1.83 -16.35
N ILE B 63 -12.82 -0.99 -17.25
CA ILE B 63 -11.74 -0.05 -16.95
C ILE B 63 -12.31 1.36 -16.98
N SER B 64 -11.98 2.17 -15.98
CA SER B 64 -12.42 3.56 -15.97
C SER B 64 -11.43 4.46 -15.24
N PHE B 65 -11.54 5.75 -15.54
CA PHE B 65 -10.80 6.80 -14.88
C PHE B 65 -11.79 7.62 -14.05
N GLY B 66 -11.36 8.04 -12.86
CA GLY B 66 -12.22 8.88 -12.04
C GLY B 66 -11.41 9.58 -10.98
N ILE B 67 -12.11 10.40 -10.17
CA ILE B 67 -11.50 11.10 -9.06
C ILE B 67 -12.40 10.95 -7.85
N LYS B 68 -11.81 11.03 -6.66
CA LYS B 68 -12.54 11.04 -5.38
C LYS B 68 -13.57 9.91 -5.42
N GLU B 69 -14.84 10.17 -5.08
CA GLU B 69 -15.87 9.15 -5.15
CA GLU B 69 -15.88 9.15 -5.15
C GLU B 69 -16.20 8.87 -6.61
N HIS B 70 -16.10 7.61 -7.00
CA HIS B 70 -16.27 7.25 -8.41
C HIS B 70 -17.10 6.00 -8.61
N GLY B 71 -17.80 5.50 -7.58
CA GLY B 71 -18.74 4.40 -7.75
C GLY B 71 -18.52 3.19 -6.86
N ASP B 72 -17.59 3.25 -5.92
CA ASP B 72 -17.40 2.18 -4.94
C ASP B 72 -17.07 2.83 -3.59
N PHE B 73 -16.81 2.02 -2.58
CA PHE B 73 -16.57 2.57 -1.25
C PHE B 73 -15.10 2.90 -1.00
N TYR B 74 -14.30 3.01 -2.07
CA TYR B 74 -12.85 3.23 -1.98
C TYR B 74 -12.49 4.46 -2.80
N PRO B 75 -12.81 5.64 -2.30
CA PRO B 75 -12.58 6.85 -3.09
C PRO B 75 -11.11 7.14 -3.28
N PHE B 76 -10.79 7.78 -4.41
CA PHE B 76 -9.46 8.27 -4.63
C PHE B 76 -9.24 9.56 -3.85
N ASP B 77 -8.01 10.07 -3.89
CA ASP B 77 -7.54 10.97 -2.84
C ASP B 77 -6.80 12.19 -3.36
N GLY B 78 -7.06 12.60 -4.61
CA GLY B 78 -6.34 13.71 -5.18
C GLY B 78 -4.95 13.30 -5.63
N PRO B 79 -4.10 14.28 -5.95
CA PRO B 79 -2.76 13.96 -6.48
C PRO B 79 -1.90 13.17 -5.50
N SER B 80 -1.16 12.21 -6.03
CA SER B 80 -0.27 11.33 -5.29
C SER B 80 -1.06 10.42 -4.35
N GLY B 81 -0.41 9.81 -3.37
CA GLY B 81 -1.13 8.83 -2.54
C GLY B 81 -1.53 7.63 -3.38
N LEU B 82 -2.80 7.24 -3.28
CA LEU B 82 -3.32 6.14 -4.06
C LEU B 82 -3.32 6.50 -5.55
N LEU B 83 -2.87 5.55 -6.39
CA LEU B 83 -2.76 5.80 -7.82
C LEU B 83 -3.87 5.16 -8.64
N ALA B 84 -4.36 4.00 -8.20
CA ALA B 84 -5.29 3.15 -8.93
C ALA B 84 -5.63 1.98 -8.03
N HIS B 85 -6.66 1.23 -8.40
CA HIS B 85 -6.92 -0.06 -7.74
C HIS B 85 -7.75 -0.94 -8.66
N ALA B 86 -7.78 -2.23 -8.33
CA ALA B 86 -8.47 -3.23 -9.14
C ALA B 86 -8.98 -4.32 -8.22
N PHE B 87 -10.13 -4.92 -8.63
CA PHE B 87 -10.79 -5.94 -7.83
C PHE B 87 -10.36 -7.33 -8.28
N PRO B 88 -10.22 -8.28 -7.35
CA PRO B 88 -9.86 -9.66 -7.72
C PRO B 88 -10.94 -10.31 -8.57
N PRO B 89 -10.63 -11.44 -9.21
CA PRO B 89 -11.59 -12.07 -10.12
C PRO B 89 -12.92 -12.37 -9.47
N GLY B 90 -13.99 -12.18 -10.24
CA GLY B 90 -15.32 -12.46 -9.77
C GLY B 90 -16.32 -11.72 -10.62
N PRO B 91 -17.61 -11.90 -10.33
CA PRO B 91 -18.64 -11.20 -11.11
C PRO B 91 -18.69 -9.73 -10.73
N ASN B 92 -19.43 -8.96 -11.54
CA ASN B 92 -19.73 -7.55 -11.28
C ASN B 92 -18.42 -6.78 -11.14
N TYR B 93 -18.13 -6.16 -9.99
CA TYR B 93 -16.94 -5.33 -9.89
C TYR B 93 -15.67 -6.18 -9.94
N GLY B 94 -15.78 -7.49 -9.73
CA GLY B 94 -14.63 -8.38 -9.87
C GLY B 94 -13.89 -8.13 -11.16
N GLY B 95 -12.55 -8.05 -11.08
CA GLY B 95 -11.71 -7.79 -12.21
C GLY B 95 -11.61 -6.35 -12.66
N ASP B 96 -12.51 -5.47 -12.22
CA ASP B 96 -12.55 -4.10 -12.73
C ASP B 96 -11.35 -3.30 -12.24
N ALA B 97 -10.92 -2.32 -13.04
CA ALA B 97 -9.73 -1.52 -12.74
C ALA B 97 -10.06 -0.04 -12.89
N HIS B 98 -9.71 0.74 -11.86
CA HIS B 98 -10.00 2.16 -11.75
C HIS B 98 -8.69 2.92 -11.56
N PHE B 99 -8.54 4.03 -12.30
CA PHE B 99 -7.33 4.84 -12.28
C PHE B 99 -7.68 6.24 -11.80
N ASP B 100 -6.88 6.77 -10.86
CA ASP B 100 -7.08 8.11 -10.29
C ASP B 100 -6.63 9.17 -11.29
N ASP B 101 -7.57 9.95 -11.84
CA ASP B 101 -7.19 10.94 -12.83
C ASP B 101 -6.68 12.24 -12.22
N ASP B 102 -6.63 12.34 -10.89
CA ASP B 102 -5.86 13.43 -10.33
C ASP B 102 -4.34 13.16 -10.41
N GLU B 103 -3.93 12.00 -10.91
CA GLU B 103 -2.56 11.78 -11.37
C GLU B 103 -2.46 12.16 -12.86
N THR B 104 -1.23 12.39 -13.32
CA THR B 104 -0.96 12.62 -14.73
C THR B 104 -0.41 11.32 -15.34
N TRP B 105 -1.20 10.73 -16.23
CA TRP B 105 -0.89 9.48 -16.92
C TRP B 105 -0.13 9.79 -18.20
N THR B 106 0.94 9.02 -18.45
CA THR B 106 1.84 9.29 -19.58
C THR B 106 2.24 8.01 -20.31
N SER B 107 2.77 8.19 -21.52
N SER B 107 2.80 8.20 -21.51
CA SER B 107 3.52 7.14 -22.19
CA SER B 107 3.49 7.13 -22.22
C SER B 107 5.00 7.48 -22.18
C SER B 107 5.00 7.17 -21.98
N SER B 108 5.45 8.02 -21.07
CA SER B 108 6.86 8.37 -20.91
C SER B 108 7.30 8.08 -19.49
N SER B 109 8.44 8.66 -19.10
CA SER B 109 8.92 8.55 -17.73
C SER B 109 8.39 9.65 -16.84
N LYS B 110 7.73 10.66 -17.39
CA LYS B 110 7.11 11.68 -16.59
C LYS B 110 5.79 11.15 -16.02
N GLY B 111 5.28 11.85 -15.01
CA GLY B 111 4.02 11.45 -14.41
C GLY B 111 4.08 9.99 -14.02
N TYR B 112 2.96 9.30 -14.17
CA TYR B 112 2.89 7.86 -13.98
C TYR B 112 2.64 7.17 -15.30
N ASN B 113 3.51 6.21 -15.63
CA ASN B 113 3.42 5.51 -16.90
C ASN B 113 2.20 4.59 -16.90
N LEU B 114 1.24 4.88 -17.78
CA LEU B 114 -0.03 4.16 -17.76
C LEU B 114 0.17 2.68 -18.02
N PHE B 115 1.02 2.31 -18.99
CA PHE B 115 1.32 0.91 -19.26
C PHE B 115 1.78 0.18 -18.00
N LEU B 116 2.74 0.74 -17.27
CA LEU B 116 3.27 0.03 -16.10
C LEU B 116 2.20 -0.13 -15.03
N VAL B 117 1.48 0.95 -14.73
CA VAL B 117 0.46 0.88 -13.69
C VAL B 117 -0.67 -0.04 -14.12
N ALA B 118 -1.09 0.02 -15.40
CA ALA B 118 -2.14 -0.89 -15.87
C ALA B 118 -1.70 -2.35 -15.82
N ALA B 119 -0.45 -2.65 -16.19
CA ALA B 119 0.00 -4.04 -16.12
C ALA B 119 -0.08 -4.57 -14.69
N HIS B 120 0.34 -3.76 -13.72
CA HIS B 120 0.20 -4.09 -12.30
C HIS B 120 -1.27 -4.29 -11.92
N GLU B 121 -2.14 -3.33 -12.27
CA GLU B 121 -3.55 -3.48 -11.93
C GLU B 121 -4.15 -4.76 -12.51
N PHE B 122 -3.83 -5.08 -13.77
CA PHE B 122 -4.43 -6.25 -14.40
C PHE B 122 -3.93 -7.53 -13.74
N GLY B 123 -2.71 -7.51 -13.20
CA GLY B 123 -2.27 -8.59 -12.34
C GLY B 123 -3.24 -8.83 -11.19
N HIS B 124 -3.69 -7.74 -10.54
CA HIS B 124 -4.71 -7.88 -9.49
C HIS B 124 -6.04 -8.38 -10.06
N SER B 125 -6.44 -7.85 -11.23
CA SER B 125 -7.67 -8.29 -11.89
C SER B 125 -7.66 -9.80 -12.14
N LEU B 126 -6.48 -10.39 -12.29
CA LEU B 126 -6.35 -11.80 -12.63
C LEU B 126 -6.11 -12.69 -11.40
N GLY B 127 -5.94 -12.10 -10.22
CA GLY B 127 -5.83 -12.87 -8.98
C GLY B 127 -4.51 -12.72 -8.24
N LEU B 128 -3.57 -11.90 -8.73
CA LEU B 128 -2.30 -11.72 -8.04
C LEU B 128 -2.44 -10.75 -6.86
N ASP B 129 -1.70 -11.05 -5.79
CA ASP B 129 -1.54 -10.10 -4.69
C ASP B 129 -0.23 -9.33 -4.89
N HIS B 130 0.51 -9.05 -3.82
CA HIS B 130 1.73 -8.26 -3.93
C HIS B 130 2.98 -9.09 -3.67
N SER B 131 4.10 -8.59 -4.18
CA SER B 131 5.43 -9.16 -4.00
C SER B 131 6.23 -8.32 -3.01
N LYS B 132 7.16 -8.95 -2.30
CA LYS B 132 8.11 -8.19 -1.50
C LYS B 132 9.40 -7.89 -2.26
N ASP B 133 9.54 -8.38 -3.49
CA ASP B 133 10.73 -8.16 -4.30
C ASP B 133 10.67 -6.79 -4.95
N PRO B 134 11.60 -5.88 -4.66
CA PRO B 134 11.50 -4.50 -5.21
C PRO B 134 11.62 -4.43 -6.72
N GLY B 135 12.14 -5.46 -7.38
CA GLY B 135 12.21 -5.48 -8.82
C GLY B 135 11.01 -6.07 -9.52
N ALA B 136 10.02 -6.57 -8.77
CA ALA B 136 8.85 -7.21 -9.36
C ALA B 136 7.84 -6.18 -9.85
N LEU B 137 7.12 -6.55 -10.90
CA LEU B 137 6.00 -5.72 -11.35
C LEU B 137 4.97 -5.54 -10.24
N MET B 138 4.69 -6.59 -9.47
CA MET B 138 3.68 -6.56 -8.43
C MET B 138 4.19 -6.06 -7.07
N PHE B 139 5.36 -5.40 -7.04
CA PHE B 139 5.79 -4.66 -5.86
C PHE B 139 4.80 -3.51 -5.60
N PRO B 140 4.50 -3.16 -4.34
CA PRO B 140 3.45 -2.15 -4.11
C PRO B 140 3.85 -0.70 -4.41
N ILE B 141 5.14 -0.40 -4.56
CA ILE B 141 5.65 0.96 -4.78
C ILE B 141 5.96 1.13 -6.26
N TYR B 142 5.45 2.20 -6.87
CA TYR B 142 5.75 2.53 -8.26
C TYR B 142 7.11 3.21 -8.39
N THR B 143 7.92 2.73 -9.34
CA THR B 143 9.12 3.39 -9.82
C THR B 143 9.14 3.29 -11.33
N TYR B 144 10.00 4.06 -11.98
CA TYR B 144 10.23 3.81 -13.40
C TYR B 144 11.73 3.95 -13.75
N PHE B 150 10.80 -3.54 -21.83
CA PHE B 150 10.18 -4.16 -20.66
C PHE B 150 10.26 -5.68 -20.75
N MET B 151 10.66 -6.30 -19.65
CA MET B 151 10.68 -7.75 -19.52
C MET B 151 10.01 -8.11 -18.20
N LEU B 152 8.95 -8.91 -18.26
CA LEU B 152 8.25 -9.30 -17.04
C LEU B 152 9.21 -10.06 -16.14
N PRO B 153 9.46 -9.61 -14.91
CA PRO B 153 10.38 -10.34 -14.02
C PRO B 153 9.89 -11.74 -13.70
N ASP B 154 10.85 -12.63 -13.41
CA ASP B 154 10.51 -14.02 -13.16
CA ASP B 154 10.54 -14.02 -13.14
C ASP B 154 9.57 -14.17 -11.97
N ASP B 155 9.68 -13.30 -10.97
CA ASP B 155 8.78 -13.41 -9.81
C ASP B 155 7.33 -13.33 -10.25
N ASP B 156 7.05 -12.46 -11.22
CA ASP B 156 5.68 -12.27 -11.68
C ASP B 156 5.26 -13.40 -12.62
N VAL B 157 6.19 -13.88 -13.42
CA VAL B 157 5.89 -14.97 -14.33
C VAL B 157 5.47 -16.17 -13.51
N GLN B 158 6.21 -16.42 -12.45
CA GLN B 158 5.91 -17.56 -11.57
C GLN B 158 4.57 -17.40 -10.89
N GLY B 159 4.28 -16.18 -10.47
CA GLY B 159 3.02 -15.91 -9.80
C GLY B 159 1.81 -16.12 -10.69
N ILE B 160 1.87 -15.63 -11.92
CA ILE B 160 0.73 -15.75 -12.81
C ILE B 160 0.61 -17.18 -13.35
N GLN B 161 1.74 -17.84 -13.60
CA GLN B 161 1.69 -19.23 -14.05
C GLN B 161 1.27 -20.18 -12.94
N SER B 162 1.41 -19.77 -11.68
CA SER B 162 0.89 -20.56 -10.58
C SER B 162 -0.63 -20.61 -10.56
N LEU B 163 -1.29 -19.65 -11.21
CA LEU B 163 -2.75 -19.65 -11.30
C LEU B 163 -3.26 -20.25 -12.61
N TYR B 164 -2.58 -19.98 -13.73
CA TYR B 164 -3.12 -20.26 -15.05
C TYR B 164 -2.26 -21.17 -15.89
N GLY B 165 -1.06 -21.53 -15.42
CA GLY B 165 -0.17 -22.35 -16.20
C GLY B 165 0.50 -21.54 -17.28
N PRO B 166 1.51 -22.09 -17.92
CA PRO B 166 2.24 -21.38 -18.95
C PRO B 166 1.55 -21.37 -20.28
N GLY B 167 2.07 -20.56 -21.17
CA GLY B 167 1.57 -20.43 -22.51
C GLY B 167 2.06 -21.54 -23.42
N VAL C 1 -7.60 11.71 4.61
CA VAL C 1 -6.15 11.69 4.52
C VAL C 1 -5.68 10.26 4.34
N THR C 2 -4.90 10.00 3.28
CA THR C 2 -4.40 8.66 3.02
C THR C 2 -3.22 8.35 3.94
N PRO C 3 -3.25 7.24 4.68
CA PRO C 3 -2.11 6.93 5.56
C PRO C 3 -0.91 6.51 4.73
N LEU C 4 0.27 6.70 5.30
CA LEU C 4 1.51 6.21 4.70
C LEU C 4 1.86 4.85 5.25
N ASN C 5 2.40 3.98 4.38
CA ASN C 5 2.96 2.71 4.81
C ASN C 5 4.32 3.00 5.42
N THR D 2 -13.19 -6.43 -2.27
CA THR D 2 -12.23 -5.42 -1.80
C THR D 2 -11.06 -5.24 -2.77
N PRO D 3 -10.85 -4.04 -3.30
CA PRO D 3 -9.82 -3.85 -4.32
C PRO D 3 -8.43 -3.70 -3.72
N LEU D 4 -7.43 -3.94 -4.58
N LEU D 4 -7.42 -3.96 -4.56
CA LEU D 4 -6.02 -3.77 -4.25
CA LEU D 4 -6.02 -3.75 -4.21
C LEU D 4 -5.44 -2.60 -5.04
C LEU D 4 -5.45 -2.60 -5.03
N ASN D 5 -4.56 -1.84 -4.42
CA ASN D 5 -3.84 -0.79 -5.13
C ASN D 5 -2.68 -1.45 -5.87
ZN ZN E . 6.51 4.44 5.78
ZN ZN F . -5.87 0.96 8.45
CA CA G . 0.45 -7.54 3.60
CA CA H . 0.22 -12.51 12.03
CA CA I . -6.07 9.36 16.50
O4 8OA J . 4.54 -2.28 0.22
C3 8OA J . 5.20 -1.63 1.01
N5 8OA J . 5.20 -0.30 1.00
C6 8OA J . 4.37 0.46 0.09
C4 8OA J . 6.02 -2.36 2.05
C4 8OA J . 5.97 -2.32 2.07
C7 8OA J . 7.30 -2.94 1.44
C7 8OA J . 7.21 -2.95 1.44
C10 8OA J . 8.17 -1.87 0.79
C10 8OA J . 7.99 -3.76 2.46
C8 8OA J . 7.02 -4.05 0.43
C8 8OA J . 8.11 -1.89 0.80
N8 8OA J . 6.38 -1.54 3.19
C9 8OA J . 5.49 -1.28 4.14
O10 8OA J . 4.31 -1.59 4.07
C11 8OA J . 6.00 -0.69 5.39
O15 8OA J . 7.37 -0.62 5.45
C14 8OA J . 7.66 -0.09 6.68
C13 8OA J . 6.48 0.10 7.39
C12 8OA J . 5.42 -0.28 6.57
C16 8OA J . 9.05 0.14 7.14
C21 8OA J . 10.03 0.43 6.19
C20 8OA J . 11.34 0.62 6.58
C19 8OA J . 11.69 0.49 7.92
C18 8OA J . 10.72 0.18 8.86
C17 8OA J . 9.40 -0.02 8.47
C22 8OA J . 13.13 0.69 8.32
S23 8OA J . 13.88 -0.90 8.52
C24 8OA J . 15.29 -0.67 9.44
N29 8OA J . 16.04 -1.72 9.79
C28 8OA J . 17.13 -1.61 10.54
O39 8OA J . 17.76 -2.64 10.83
C27 8OA J . 17.52 -0.35 10.93
C36 8OA J . 18.72 0.04 11.74
C37 8OA J . 18.61 1.57 11.83
C38 8OA J . 17.36 2.02 11.07
C26 8OA J . 16.79 0.73 10.55
N25 8OA J . 15.67 0.58 9.82
ZN ZN K . -0.91 -3.40 -6.25
ZN ZN L . -12.74 2.27 -7.57
CA CA M . -4.15 9.84 -5.85
CA CA N . -5.05 13.24 -14.97
CA CA O . -16.07 -7.22 -13.72
O4 8OA P . -0.58 3.91 -1.09
C3 8OA P . -0.31 3.14 -2.01
N5 8OA P . -0.69 1.86 -1.99
C6 8OA P . -1.37 1.30 -0.85
C4 8OA P . 0.52 3.59 -3.19
C7 8OA P . 1.97 3.81 -2.74
C10 8OA P . 2.84 4.38 -3.86
C8 8OA P . 2.58 2.55 -2.16
N8 8OA P . 0.49 2.70 -4.34
C9 8OA P . -0.54 2.67 -5.20
O10 8OA P . -1.59 3.31 -5.04
C11 8OA P . -0.40 1.89 -6.46
O15 8OA P . 0.88 1.49 -6.79
C14 8OA P . 0.77 0.84 -7.99
C13 8OA P . -0.57 0.84 -8.41
C12 8OA P . -1.30 1.51 -7.45
C16 8OA P . 1.93 0.24 -8.71
C21 8OA P . 3.03 -0.17 -7.99
C20 8OA P . 4.11 -0.72 -8.66
C19 8OA P . 4.09 -0.81 -10.05
C18 8OA P . 2.99 -0.37 -10.77
C17 8OA P . 1.91 0.16 -10.09
C22 8OA P . 5.27 -1.40 -10.81
S23 8OA P . 6.39 -0.14 -11.37
C24 8OA P . 7.60 -0.95 -12.27
N29 8OA P . 8.48 -0.22 -12.94
C28 8OA P . 9.45 -0.76 -13.69
O39 8OA P . 10.23 0.01 -14.30
C27 8OA P . 9.52 -2.13 -13.75
C36 8OA P . 10.49 -2.98 -14.53
C37 8OA P . 10.03 -4.42 -14.22
C38 8OA P . 8.85 -4.36 -13.25
C26 8OA P . 8.63 -2.89 -13.06
N25 8OA P . 7.65 -2.31 -12.31
#